data_7F3N
#
_entry.id   7F3N
#
_cell.length_a   89.36
_cell.length_b   89.36
_cell.length_c   79.871
_cell.angle_alpha   90.0
_cell.angle_beta   90.0
_cell.angle_gamma   120.0
#
_symmetry.space_group_name_H-M   'P 32 2 1'
#
loop_
_entity.id
_entity.type
_entity.pdbx_description
1 polymer 'Type III effector protein popp2'
2 water water
#
_entity_poly.entity_id   1
_entity_poly.type   'polypeptide(L)'
_entity_poly.pdbx_seq_one_letter_code
;GRQAGQQATVGRLRTQVTGFLSGALGKLQALSAQNMDPELAQFRVLDVDRAIMPLLIVAENARNPGLNLVPLHMDMAEDE
EVRTQPPMAGSRHIAEFVASARPGRYRAVIDDGSHTRAADIRKDASGTSVIVVDPLRKEKDESAYVDYADNVNMEFGEHA
KCAFIPVDIQKSFFDCRILSLSLALKMHDKDDAFAAFHETLRNGGDPSHHVSRAQQTEELGATLVLDGAPLVDARMMKHG
QAASSVSRYLGNHPEQSTVPVNKRNETLGERTTRHLVKRKVRNRADSEGRVTSGETKEITFSNSVEQKRIALLNRAASYV
NSAPPPVVMRMAKLLQDSLLDTN
;
_entity_poly.pdbx_strand_id   A
#
# COMPACT_ATOMS: atom_id res chain seq x y z
N GLY A 1 6.18 -28.75 -27.46
CA GLY A 1 5.19 -29.16 -26.49
C GLY A 1 5.30 -28.46 -25.14
N ARG A 2 6.48 -27.95 -24.84
CA ARG A 2 6.70 -27.28 -23.56
C ARG A 2 6.25 -25.83 -23.61
N GLN A 3 6.04 -25.31 -24.83
CA GLN A 3 5.38 -24.02 -24.94
C GLN A 3 3.95 -24.21 -24.50
N ALA A 4 3.40 -25.38 -24.80
CA ALA A 4 2.07 -25.77 -24.35
C ALA A 4 2.12 -26.31 -22.92
N GLY A 5 3.12 -27.13 -22.64
CA GLY A 5 3.27 -27.76 -21.33
C GLY A 5 3.43 -26.75 -20.22
N GLN A 6 3.88 -25.55 -20.57
CA GLN A 6 4.03 -24.47 -19.61
C GLN A 6 2.83 -23.52 -19.66
N GLN A 7 2.16 -23.48 -20.81
CA GLN A 7 0.96 -22.66 -20.95
C GLN A 7 -0.18 -23.19 -20.08
N ALA A 8 -0.17 -24.50 -19.84
CA ALA A 8 -1.19 -25.14 -19.02
C ALA A 8 -1.06 -24.70 -17.56
N THR A 9 0.16 -24.72 -17.06
CA THR A 9 0.45 -24.29 -15.70
C THR A 9 0.06 -22.82 -15.50
N VAL A 10 0.43 -21.97 -16.47
CA VAL A 10 0.09 -20.56 -16.41
C VAL A 10 -1.43 -20.34 -16.42
N GLY A 11 -2.13 -21.06 -17.29
CA GLY A 11 -3.59 -20.96 -17.35
C GLY A 11 -4.24 -21.39 -16.04
N ARG A 12 -3.67 -22.43 -15.45
CA ARG A 12 -4.11 -22.95 -14.17
C ARG A 12 -3.99 -21.89 -13.07
N LEU A 13 -2.78 -21.34 -12.93
CA LEU A 13 -2.52 -20.32 -11.92
C LEU A 13 -3.38 -19.08 -12.13
N ARG A 14 -3.48 -18.66 -13.40
CA ARG A 14 -4.32 -17.53 -13.77
C ARG A 14 -5.75 -17.74 -13.31
N THR A 15 -6.27 -18.94 -13.53
CA THR A 15 -7.63 -19.24 -13.10
C THR A 15 -7.74 -19.27 -11.58
N GLN A 16 -6.69 -19.72 -10.89
CA GLN A 16 -6.68 -19.64 -9.43
C GLN A 16 -6.86 -18.20 -8.96
N VAL A 17 -6.01 -17.31 -9.47
CA VAL A 17 -6.03 -15.89 -9.08
C VAL A 17 -7.38 -15.24 -9.40
N THR A 18 -7.87 -15.48 -10.61
CA THR A 18 -9.15 -14.94 -11.05
C THR A 18 -10.30 -15.42 -10.16
N GLY A 19 -10.30 -16.71 -9.86
CA GLY A 19 -11.33 -17.30 -9.02
C GLY A 19 -11.29 -16.72 -7.62
N PHE A 20 -10.08 -16.46 -7.14
CA PHE A 20 -9.92 -15.87 -5.82
C PHE A 20 -10.49 -14.46 -5.77
N LEU A 21 -10.10 -13.62 -6.75
CA LEU A 21 -10.58 -12.25 -6.77
C LEU A 21 -12.11 -12.20 -6.90
N SER A 22 -12.65 -13.08 -7.74
CA SER A 22 -14.10 -13.19 -7.90
C SER A 22 -14.77 -13.58 -6.59
N GLY A 23 -14.16 -14.52 -5.88
CA GLY A 23 -14.66 -14.96 -4.59
C GLY A 23 -14.68 -13.81 -3.59
N ALA A 24 -13.62 -13.00 -3.63
CA ALA A 24 -13.54 -11.82 -2.76
C ALA A 24 -14.66 -10.85 -3.07
N LEU A 25 -14.90 -10.60 -4.35
CA LEU A 25 -16.02 -9.73 -4.77
C LEU A 25 -17.34 -10.27 -4.23
N GLY A 26 -17.52 -11.57 -4.32
CA GLY A 26 -18.71 -12.22 -3.78
C GLY A 26 -18.88 -11.99 -2.29
N LYS A 27 -17.81 -12.22 -1.54
CA LYS A 27 -17.82 -11.99 -0.09
C LYS A 27 -18.17 -10.54 0.23
N LEU A 28 -17.56 -9.60 -0.48
CA LEU A 28 -17.85 -8.19 -0.26
C LEU A 28 -19.32 -7.87 -0.52
N GLN A 29 -19.88 -8.44 -1.58
CA GLN A 29 -21.28 -8.21 -1.88
C GLN A 29 -22.17 -8.78 -0.77
N ALA A 30 -21.80 -9.93 -0.23
CA ALA A 30 -22.59 -10.54 0.85
C ALA A 30 -22.48 -9.75 2.15
N LEU A 31 -21.31 -9.16 2.39
CA LEU A 31 -21.06 -8.42 3.62
C LEU A 31 -21.73 -7.06 3.60
N SER A 32 -22.11 -6.59 2.42
CA SER A 32 -22.77 -5.30 2.28
C SER A 32 -24.28 -5.47 2.18
N ALA A 33 -24.78 -6.64 2.56
CA ALA A 33 -26.21 -6.92 2.54
C ALA A 33 -26.95 -6.10 3.60
N GLN A 34 -28.23 -5.82 3.35
CA GLN A 34 -29.04 -5.05 4.29
C GLN A 34 -29.13 -5.76 5.63
N ASN A 35 -29.08 -7.09 5.58
CA ASN A 35 -29.10 -7.93 6.77
C ASN A 35 -27.87 -7.75 7.66
N MET A 36 -26.73 -7.46 7.05
CA MET A 36 -25.45 -7.55 7.73
C MET A 36 -25.18 -6.48 8.79
N ASP A 37 -24.73 -6.92 9.96
CA ASP A 37 -24.18 -6.04 10.98
C ASP A 37 -22.86 -5.45 10.45
N PRO A 38 -22.80 -4.11 10.33
CA PRO A 38 -21.62 -3.41 9.80
C PRO A 38 -20.33 -3.69 10.58
N GLU A 39 -20.44 -3.85 11.90
CA GLU A 39 -19.26 -4.16 12.72
C GLU A 39 -18.71 -5.54 12.35
N LEU A 40 -19.63 -6.50 12.20
CA LEU A 40 -19.28 -7.83 11.74
C LEU A 40 -18.65 -7.78 10.35
N ALA A 41 -19.19 -6.91 9.50
CA ALA A 41 -18.68 -6.72 8.15
C ALA A 41 -17.23 -6.24 8.19
N GLN A 42 -16.95 -5.27 9.04
CA GLN A 42 -15.58 -4.77 9.18
C GLN A 42 -14.63 -5.89 9.62
N PHE A 43 -15.04 -6.59 10.68
CA PHE A 43 -14.23 -7.69 11.18
C PHE A 43 -13.93 -8.71 10.07
N ARG A 44 -14.94 -9.02 9.27
CA ARG A 44 -14.77 -9.99 8.19
C ARG A 44 -13.86 -9.47 7.09
N VAL A 45 -13.96 -8.17 6.81
CA VAL A 45 -13.22 -7.56 5.72
C VAL A 45 -11.73 -7.46 6.07
N LEU A 46 -11.39 -7.50 7.35
CA LEU A 46 -9.97 -7.59 7.73
C LEU A 46 -9.17 -8.66 6.94
N ASP A 47 -9.70 -9.87 6.91
CA ASP A 47 -9.01 -10.97 6.23
C ASP A 47 -9.07 -10.85 4.71
N VAL A 48 -10.19 -10.35 4.20
CA VAL A 48 -10.34 -10.12 2.77
C VAL A 48 -9.30 -9.13 2.27
N ASP A 49 -9.22 -7.99 2.95
CA ASP A 49 -8.25 -6.96 2.64
C ASP A 49 -6.82 -7.50 2.74
N ARG A 50 -6.50 -8.17 3.85
CA ARG A 50 -5.16 -8.73 3.98
C ARG A 50 -4.81 -9.65 2.82
N ALA A 51 -5.81 -10.42 2.38
CA ALA A 51 -5.59 -11.38 1.31
C ALA A 51 -5.45 -10.74 -0.08
N ILE A 52 -6.20 -9.67 -0.33
CA ILE A 52 -6.24 -9.13 -1.70
C ILE A 52 -5.25 -8.00 -1.94
N MET A 53 -4.82 -7.34 -0.88
CA MET A 53 -3.91 -6.18 -1.01
C MET A 53 -2.69 -6.42 -1.91
N PRO A 54 -1.96 -7.55 -1.73
CA PRO A 54 -0.82 -7.76 -2.64
C PRO A 54 -1.20 -7.75 -4.13
N LEU A 55 -2.33 -8.36 -4.45
CA LEU A 55 -2.77 -8.46 -5.84
C LEU A 55 -3.20 -7.09 -6.37
N LEU A 56 -3.91 -6.33 -5.53
CA LEU A 56 -4.27 -4.95 -5.86
C LEU A 56 -3.01 -4.14 -6.15
N ILE A 57 -1.99 -4.31 -5.32
CA ILE A 57 -0.73 -3.58 -5.49
C ILE A 57 -0.09 -3.92 -6.83
N VAL A 58 -0.04 -5.20 -7.16
CA VAL A 58 0.55 -5.62 -8.44
C VAL A 58 -0.21 -5.00 -9.62
N ALA A 59 -1.53 -5.19 -9.62
CA ALA A 59 -2.39 -4.65 -10.66
C ALA A 59 -2.19 -3.13 -10.83
N GLU A 60 -2.31 -2.40 -9.73
CA GLU A 60 -2.20 -0.95 -9.78
C GLU A 60 -0.81 -0.48 -10.19
N ASN A 61 0.21 -1.26 -9.86
CA ASN A 61 1.55 -0.98 -10.35
C ASN A 61 1.60 -1.11 -11.87
N ALA A 62 0.84 -2.08 -12.39
CA ALA A 62 0.78 -2.26 -13.84
C ALA A 62 0.02 -1.12 -14.53
N ARG A 63 -1.12 -0.74 -13.97
CA ARG A 63 -1.99 0.27 -14.59
C ARG A 63 -1.38 1.67 -14.55
N ASN A 64 -0.59 1.94 -13.52
CA ASN A 64 0.09 3.22 -13.39
C ASN A 64 1.60 3.04 -13.34
N PRO A 65 2.24 2.90 -14.50
CA PRO A 65 3.71 2.80 -14.55
C PRO A 65 4.38 3.97 -13.81
N GLY A 66 5.22 3.66 -12.84
CA GLY A 66 5.89 4.70 -12.07
C GLY A 66 5.37 4.80 -10.64
N LEU A 67 4.21 4.19 -10.38
CA LEU A 67 3.65 4.14 -9.03
C LEU A 67 4.65 3.53 -8.06
N ASN A 68 5.18 2.37 -8.46
CA ASN A 68 6.23 1.68 -7.69
C ASN A 68 5.82 1.44 -6.25
N LEU A 69 4.60 0.92 -6.07
CA LEU A 69 4.06 0.65 -4.76
C LEU A 69 4.61 -0.66 -4.18
N VAL A 70 5.12 -0.59 -2.96
CA VAL A 70 5.69 -1.74 -2.28
C VAL A 70 5.08 -1.87 -0.88
N PRO A 71 4.65 -3.08 -0.50
CA PRO A 71 4.17 -3.28 0.88
C PRO A 71 5.31 -3.46 1.88
N LEU A 72 5.35 -2.60 2.91
CA LEU A 72 6.41 -2.65 3.91
C LEU A 72 5.83 -2.83 5.31
N HIS A 73 6.65 -3.32 6.25
CA HIS A 73 6.18 -3.43 7.62
C HIS A 73 7.29 -3.14 8.62
N MET A 74 6.91 -2.92 9.87
CA MET A 74 7.85 -2.58 10.93
C MET A 74 8.03 -3.73 11.93
N ASP A 75 8.82 -3.49 12.96
CA ASP A 75 9.19 -4.54 13.91
C ASP A 75 7.99 -5.17 14.60
N MET A 76 7.03 -4.33 14.99
CA MET A 76 5.85 -4.80 15.72
C MET A 76 4.99 -5.75 14.86
N ALA A 77 5.13 -5.64 13.55
CA ALA A 77 4.40 -6.50 12.62
C ALA A 77 4.99 -7.90 12.58
N GLU A 78 6.14 -8.08 13.21
CA GLU A 78 6.79 -9.39 13.27
C GLU A 78 6.67 -10.01 14.67
N ASP A 79 5.96 -9.32 15.55
CA ASP A 79 5.66 -9.85 16.88
C ASP A 79 4.29 -10.55 16.84
N GLU A 80 4.32 -11.88 16.88
CA GLU A 80 3.11 -12.68 16.72
C GLU A 80 2.13 -12.48 17.86
N GLU A 81 2.63 -12.12 19.04
CA GLU A 81 1.79 -11.96 20.22
C GLU A 81 1.06 -10.62 20.24
N VAL A 82 1.66 -9.61 19.62
CA VAL A 82 1.12 -8.25 19.70
C VAL A 82 0.29 -7.85 18.49
N ARG A 83 0.82 -8.10 17.30
CA ARG A 83 0.18 -7.65 16.06
C ARG A 83 -1.26 -8.14 15.95
N THR A 84 -2.11 -7.29 15.39
CA THR A 84 -3.52 -7.63 15.18
C THR A 84 -3.63 -8.68 14.08
N GLN A 85 -2.81 -8.51 13.06
CA GLN A 85 -2.77 -9.40 11.91
C GLN A 85 -1.34 -9.52 11.44
N PRO A 86 -0.99 -10.66 10.82
CA PRO A 86 0.32 -10.75 10.18
C PRO A 86 0.40 -9.82 8.99
N PRO A 87 1.61 -9.35 8.65
CA PRO A 87 1.77 -8.52 7.45
C PRO A 87 1.33 -9.28 6.21
N MET A 88 0.84 -8.55 5.21
CA MET A 88 0.34 -9.16 3.98
C MET A 88 1.46 -9.93 3.29
N ALA A 89 1.09 -10.82 2.38
CA ALA A 89 2.09 -11.60 1.65
C ALA A 89 2.99 -10.68 0.83
N GLY A 90 4.29 -10.99 0.80
CA GLY A 90 5.23 -10.21 0.02
C GLY A 90 5.74 -8.99 0.76
N SER A 91 5.20 -8.75 1.95
CA SER A 91 5.64 -7.60 2.76
C SER A 91 7.08 -7.76 3.21
N ARG A 92 7.82 -6.65 3.21
CA ARG A 92 9.21 -6.65 3.64
C ARG A 92 9.43 -5.69 4.80
N HIS A 93 10.32 -6.05 5.72
CA HIS A 93 10.68 -5.15 6.80
C HIS A 93 11.27 -3.88 6.19
N ILE A 94 10.85 -2.73 6.68
CA ILE A 94 11.26 -1.46 6.09
C ILE A 94 12.78 -1.31 6.09
N ALA A 95 13.44 -1.85 7.11
CA ALA A 95 14.89 -1.82 7.21
C ALA A 95 15.53 -2.53 6.01
N GLU A 96 15.09 -3.76 5.77
CA GLU A 96 15.60 -4.55 4.66
C GLU A 96 15.38 -3.84 3.34
N PHE A 97 14.22 -3.20 3.18
CA PHE A 97 13.93 -2.48 1.95
C PHE A 97 14.89 -1.31 1.77
N VAL A 98 15.07 -0.52 2.83
CA VAL A 98 15.98 0.63 2.77
C VAL A 98 17.40 0.18 2.43
N ALA A 99 17.82 -0.97 2.94
CA ALA A 99 19.17 -1.45 2.70
C ALA A 99 19.36 -2.08 1.33
N SER A 100 18.31 -2.71 0.81
CA SER A 100 18.45 -3.54 -0.39
C SER A 100 17.85 -2.95 -1.67
N ALA A 101 16.86 -2.08 -1.53
CA ALA A 101 16.11 -1.58 -2.69
C ALA A 101 16.98 -0.86 -3.72
N ARG A 102 16.67 -1.08 -4.99
CA ARG A 102 17.27 -0.34 -6.08
C ARG A 102 16.89 1.13 -5.95
N PRO A 103 17.89 2.03 -6.05
CA PRO A 103 17.66 3.47 -5.87
C PRO A 103 16.52 3.99 -6.73
N GLY A 104 15.81 5.01 -6.25
CA GLY A 104 14.72 5.58 -7.02
C GLY A 104 13.52 6.05 -6.22
N ARG A 105 12.37 6.03 -6.86
CA ARG A 105 11.16 6.60 -6.29
C ARG A 105 10.09 5.51 -6.09
N TYR A 106 9.57 5.41 -4.87
CA TYR A 106 8.58 4.39 -4.53
C TYR A 106 7.38 4.96 -3.79
N ARG A 107 6.27 4.27 -3.92
CA ARG A 107 5.16 4.47 -2.98
C ARG A 107 5.11 3.23 -2.11
N ALA A 108 4.56 3.35 -0.91
CA ALA A 108 4.52 2.21 -0.01
C ALA A 108 3.27 2.22 0.86
N VAL A 109 2.87 1.02 1.29
CA VAL A 109 1.93 0.91 2.38
C VAL A 109 2.71 0.26 3.52
N ILE A 110 2.79 0.96 4.65
CA ILE A 110 3.59 0.53 5.78
C ILE A 110 2.71 0.08 6.93
N ASP A 111 2.89 -1.18 7.32
CA ASP A 111 2.12 -1.82 8.37
C ASP A 111 2.92 -1.87 9.68
N ASP A 112 2.40 -1.25 10.73
CA ASP A 112 3.15 -1.18 11.98
C ASP A 112 2.66 -2.19 13.03
N GLY A 113 1.84 -3.15 12.59
CA GLY A 113 1.30 -4.14 13.52
C GLY A 113 -0.14 -3.86 13.91
N SER A 114 -0.56 -2.61 13.72
CA SER A 114 -1.91 -2.19 14.04
C SER A 114 -2.57 -1.52 12.86
N HIS A 115 -1.90 -0.48 12.34
CA HIS A 115 -2.43 0.31 11.25
C HIS A 115 -1.50 0.28 10.04
N THR A 116 -2.08 0.54 8.87
CA THR A 116 -1.31 0.68 7.65
C THR A 116 -1.39 2.14 7.18
N ARG A 117 -0.25 2.71 6.80
CA ARG A 117 -0.21 4.09 6.31
C ARG A 117 0.46 4.20 4.95
N ALA A 118 0.00 5.13 4.12
CA ALA A 118 0.65 5.41 2.84
C ALA A 118 1.97 6.17 3.01
N ALA A 119 2.90 5.97 2.08
CA ALA A 119 4.19 6.63 2.16
C ALA A 119 4.83 6.86 0.79
N ASP A 120 5.69 7.88 0.71
CA ASP A 120 6.47 8.15 -0.48
C ASP A 120 7.94 8.01 -0.10
N ILE A 121 8.68 7.18 -0.82
CA ILE A 121 10.06 6.89 -0.46
C ILE A 121 11.02 7.27 -1.59
N ARG A 122 12.10 7.96 -1.25
CA ARG A 122 13.12 8.28 -2.26
C ARG A 122 14.49 7.78 -1.80
N LYS A 123 15.10 6.93 -2.61
CA LYS A 123 16.44 6.42 -2.33
C LYS A 123 17.47 7.00 -3.29
N ASP A 124 18.32 7.87 -2.75
CA ASP A 124 19.42 8.49 -3.49
C ASP A 124 20.77 7.98 -3.01
N ALA A 125 21.84 8.47 -3.64
CA ALA A 125 23.19 8.27 -3.14
C ALA A 125 23.37 9.14 -1.91
N SER A 126 22.62 10.24 -1.87
CA SER A 126 22.58 11.13 -0.72
C SER A 126 22.02 10.40 0.50
N GLY A 127 21.06 9.52 0.23
CA GLY A 127 20.42 8.74 1.28
C GLY A 127 19.01 8.34 0.92
N THR A 128 18.22 7.98 1.93
CA THR A 128 16.84 7.61 1.73
C THR A 128 15.95 8.50 2.59
N SER A 129 14.87 9.02 2.02
CA SER A 129 13.90 9.76 2.81
C SER A 129 12.51 9.13 2.65
N VAL A 130 11.78 9.09 3.77
CA VAL A 130 10.46 8.47 3.81
C VAL A 130 9.40 9.43 4.33
N ILE A 131 8.36 9.64 3.53
CA ILE A 131 7.30 10.58 3.83
C ILE A 131 6.01 9.82 4.12
N VAL A 132 5.62 9.79 5.40
CA VAL A 132 4.47 9.00 5.82
C VAL A 132 3.21 9.85 6.03
N VAL A 133 2.15 9.51 5.32
CA VAL A 133 0.85 10.16 5.50
C VAL A 133 0.14 9.61 6.74
N ASP A 134 -0.25 10.49 7.65
CA ASP A 134 -0.79 10.03 8.92
C ASP A 134 -2.17 10.58 9.24
N PRO A 135 -3.23 9.80 8.95
CA PRO A 135 -4.60 10.16 9.28
C PRO A 135 -4.78 10.30 10.79
N LEU A 136 -5.15 11.50 11.24
CA LEU A 136 -5.23 11.78 12.66
C LEU A 136 -6.62 12.22 13.12
N ARG A 137 -7.52 12.48 12.16
CA ARG A 137 -8.87 12.88 12.53
C ARG A 137 -9.60 11.77 13.27
N ASN A 151 1.96 14.26 19.05
CA ASN A 151 3.41 14.22 19.09
C ASN A 151 4.04 15.42 18.37
N VAL A 152 3.84 16.61 18.93
CA VAL A 152 4.37 17.84 18.36
C VAL A 152 5.89 17.91 18.46
N ASN A 153 6.54 18.13 17.33
CA ASN A 153 8.00 18.26 17.22
C ASN A 153 8.77 16.99 17.55
N MET A 154 8.20 15.85 17.16
CA MET A 154 8.87 14.56 17.35
C MET A 154 9.32 14.00 16.01
N GLU A 155 10.59 13.66 15.88
CA GLU A 155 11.09 13.05 14.65
C GLU A 155 11.47 11.58 14.89
N PHE A 156 11.33 10.76 13.86
CA PHE A 156 11.59 9.33 13.99
C PHE A 156 12.45 8.82 12.83
N GLY A 157 13.20 7.74 13.07
CA GLY A 157 14.08 7.18 12.08
C GLY A 157 14.32 5.70 12.27
N ALA A 160 16.78 7.14 5.27
CA ALA A 160 16.72 7.01 6.73
C ALA A 160 15.80 8.05 7.36
N LYS A 161 15.79 9.26 6.80
CA LYS A 161 14.99 10.35 7.34
C LYS A 161 13.50 10.11 7.13
N CYS A 162 12.71 10.27 8.20
CA CYS A 162 11.27 10.09 8.12
C CYS A 162 10.54 11.39 8.47
N ALA A 163 9.49 11.69 7.71
CA ALA A 163 8.60 12.80 8.06
C ALA A 163 7.15 12.35 7.96
N PHE A 164 6.36 12.74 8.94
CA PHE A 164 4.94 12.40 8.97
C PHE A 164 4.11 13.60 8.56
N ILE A 165 3.17 13.39 7.65
CA ILE A 165 2.26 14.45 7.22
C ILE A 165 0.88 14.19 7.81
N PRO A 166 0.48 15.01 8.80
CA PRO A 166 -0.86 14.91 9.37
C PRO A 166 -1.90 15.27 8.32
N VAL A 167 -2.89 14.40 8.13
CA VAL A 167 -3.97 14.70 7.19
C VAL A 167 -5.34 14.61 7.84
N ASP A 168 -6.26 15.46 7.40
CA ASP A 168 -7.61 15.50 7.96
C ASP A 168 -8.44 14.33 7.47
N ILE A 169 -7.97 13.12 7.78
CA ILE A 169 -8.66 11.89 7.41
C ILE A 169 -8.81 11.04 8.66
N GLN A 170 -9.99 10.46 8.85
CA GLN A 170 -10.27 9.65 10.02
C GLN A 170 -9.34 8.44 10.09
N LYS A 171 -8.58 8.34 11.16
CA LYS A 171 -7.76 7.18 11.43
C LYS A 171 -8.69 5.98 11.66
N SER A 172 -8.55 4.96 10.85
CA SER A 172 -9.46 3.81 10.90
C SER A 172 -8.71 2.49 10.79
N PHE A 173 -8.79 1.69 11.85
CA PHE A 173 -8.19 0.36 11.88
C PHE A 173 -8.71 -0.53 10.76
N PHE A 174 -10.01 -0.43 10.48
CA PHE A 174 -10.65 -1.27 9.47
C PHE A 174 -10.49 -0.78 8.04
N ASP A 175 -10.30 0.54 7.85
CA ASP A 175 -10.28 1.10 6.50
C ASP A 175 -8.88 1.45 5.98
N CYS A 176 -7.87 1.35 6.85
CA CYS A 176 -6.57 1.96 6.54
C CYS A 176 -5.82 1.29 5.39
N ARG A 177 -6.10 0.03 5.08
CA ARG A 177 -5.41 -0.63 3.98
C ARG A 177 -5.83 -0.07 2.62
N ILE A 178 -7.13 -0.10 2.36
CA ILE A 178 -7.69 0.46 1.13
C ILE A 178 -7.41 1.96 1.05
N LEU A 179 -7.56 2.65 2.18
CA LEU A 179 -7.31 4.08 2.24
C LEU A 179 -5.87 4.43 1.94
N SER A 180 -4.94 3.62 2.45
CA SER A 180 -3.52 3.84 2.22
C SER A 180 -3.19 3.59 0.76
N LEU A 181 -3.81 2.56 0.18
CA LEU A 181 -3.64 2.29 -1.24
C LEU A 181 -4.07 3.50 -2.06
N SER A 182 -5.28 3.98 -1.79
CA SER A 182 -5.83 5.16 -2.45
C SER A 182 -4.90 6.38 -2.32
N LEU A 183 -4.44 6.62 -1.10
CA LEU A 183 -3.55 7.74 -0.84
C LEU A 183 -2.22 7.58 -1.58
N ALA A 184 -1.75 6.35 -1.74
CA ALA A 184 -0.51 6.11 -2.48
C ALA A 184 -0.71 6.49 -3.93
N LEU A 185 -1.86 6.10 -4.48
CA LEU A 185 -2.22 6.52 -5.83
C LEU A 185 -2.21 8.04 -5.96
N LYS A 186 -2.81 8.72 -4.98
CA LYS A 186 -2.87 10.18 -5.05
C LYS A 186 -1.47 10.80 -4.91
N MET A 187 -0.60 10.16 -4.13
CA MET A 187 0.77 10.65 -3.97
C MET A 187 1.53 10.52 -5.29
N HIS A 188 1.25 9.44 -6.00
CA HIS A 188 1.80 9.26 -7.34
C HIS A 188 1.32 10.40 -8.24
N ASP A 189 0.03 10.72 -8.15
CA ASP A 189 -0.54 11.82 -8.93
C ASP A 189 0.11 13.17 -8.60
N LYS A 190 0.47 13.37 -7.34
CA LYS A 190 1.15 14.59 -6.93
C LYS A 190 2.64 14.32 -6.72
N ASP A 191 3.23 13.62 -7.68
CA ASP A 191 4.63 13.19 -7.60
C ASP A 191 5.62 14.33 -7.33
N ASP A 192 5.47 15.44 -8.05
CA ASP A 192 6.40 16.56 -7.95
C ASP A 192 6.37 17.24 -6.58
N ALA A 193 5.18 17.36 -5.98
CA ALA A 193 5.06 17.99 -4.67
C ALA A 193 5.85 17.21 -3.62
N PHE A 194 5.70 15.89 -3.67
CA PHE A 194 6.41 15.01 -2.75
C PHE A 194 7.90 14.98 -3.05
N ALA A 195 8.27 15.10 -4.31
CA ALA A 195 9.69 15.22 -4.67
C ALA A 195 10.28 16.48 -4.04
N ALA A 196 9.54 17.58 -4.15
CA ALA A 196 9.95 18.84 -3.57
C ALA A 196 10.17 18.70 -2.07
N PHE A 197 9.20 18.07 -1.40
CA PHE A 197 9.33 17.85 0.03
C PHE A 197 10.51 16.95 0.36
N HIS A 198 10.78 15.97 -0.50
CA HIS A 198 11.95 15.11 -0.35
C HIS A 198 13.23 15.93 -0.36
N GLU A 199 13.32 16.87 -1.29
CA GLU A 199 14.48 17.77 -1.36
C GLU A 199 14.58 18.64 -0.11
N THR A 200 13.44 19.18 0.33
CA THR A 200 13.41 19.97 1.56
C THR A 200 13.92 19.16 2.75
N LEU A 201 13.48 17.91 2.83
CA LEU A 201 13.83 17.00 3.90
C LEU A 201 15.31 16.64 3.84
N ARG A 202 15.85 16.65 2.63
CA ARG A 202 17.27 16.38 2.42
C ARG A 202 18.11 17.59 2.80
N ASN A 203 17.61 18.78 2.48
CA ASN A 203 18.30 20.02 2.80
C ASN A 203 18.16 20.40 4.27
N GLY A 204 18.67 19.55 5.15
CA GLY A 204 18.57 19.77 6.59
C GLY A 204 19.37 20.96 7.06
N GLY A 205 20.33 21.39 6.23
CA GLY A 205 21.22 22.48 6.59
C GLY A 205 20.58 23.86 6.66
N ASP A 206 19.70 24.16 5.71
CA ASP A 206 19.06 25.49 5.61
C ASP A 206 18.53 25.98 6.95
N PRO A 207 18.76 27.26 7.26
CA PRO A 207 18.39 27.82 8.55
C PRO A 207 16.88 27.84 8.79
N SER A 208 16.10 27.99 7.71
CA SER A 208 14.66 28.03 7.83
C SER A 208 14.02 26.68 7.54
N HIS A 209 14.87 25.65 7.43
CA HIS A 209 14.42 24.28 7.20
C HIS A 209 13.23 23.92 8.08
N HIS A 210 13.44 23.99 9.39
CA HIS A 210 12.40 23.67 10.37
C HIS A 210 11.08 24.36 10.06
N VAL A 211 11.15 25.62 9.65
CA VAL A 211 9.95 26.33 9.23
C VAL A 211 9.44 25.76 7.92
N SER A 212 10.30 25.80 6.89
CA SER A 212 9.94 25.39 5.54
C SER A 212 9.28 24.03 5.54
N ARG A 213 10.00 23.05 6.08
CA ARG A 213 9.48 21.71 6.32
C ARG A 213 8.06 21.75 6.85
N ALA A 214 7.91 22.34 8.04
CA ALA A 214 6.62 22.45 8.69
C ALA A 214 5.61 23.07 7.74
N GLN A 215 6.00 24.19 7.12
CA GLN A 215 5.10 24.87 6.20
C GLN A 215 4.65 23.87 5.14
N GLN A 216 5.63 23.29 4.46
CA GLN A 216 5.35 22.37 3.37
C GLN A 216 4.48 21.22 3.87
N THR A 217 4.74 20.78 5.10
CA THR A 217 3.98 19.67 5.68
C THR A 217 2.50 20.00 5.56
N GLU A 218 2.13 21.15 6.15
CA GLU A 218 0.75 21.61 6.11
C GLU A 218 0.23 21.58 4.67
N GLU A 219 1.00 22.16 3.77
CA GLU A 219 0.59 22.28 2.38
C GLU A 219 0.33 20.91 1.78
N LEU A 220 1.25 19.98 2.01
CA LEU A 220 1.08 18.62 1.51
C LEU A 220 -0.24 18.06 1.99
N GLY A 221 -0.49 18.19 3.29
CA GLY A 221 -1.70 17.69 3.91
C GLY A 221 -2.91 18.14 3.11
N ALA A 222 -2.95 19.44 2.81
CA ALA A 222 -4.09 20.01 2.11
C ALA A 222 -4.30 19.32 0.77
N THR A 223 -3.21 19.21 0.00
CA THR A 223 -3.30 18.64 -1.34
C THR A 223 -3.78 17.21 -1.29
N LEU A 224 -3.52 16.53 -0.17
CA LEU A 224 -3.91 15.14 -0.06
C LEU A 224 -5.40 14.98 0.20
N VAL A 225 -6.01 15.98 0.83
CA VAL A 225 -7.41 15.87 1.22
C VAL A 225 -8.33 16.66 0.28
N LEU A 226 -7.74 17.28 -0.74
CA LEU A 226 -8.50 18.08 -1.69
C LEU A 226 -9.48 17.22 -2.49
N SER A 304 -16.41 6.23 -1.31
CA SER A 304 -16.31 5.56 -0.02
C SER A 304 -15.29 4.42 -0.07
N VAL A 305 -14.84 3.98 1.10
CA VAL A 305 -13.89 2.87 1.20
C VAL A 305 -14.43 1.61 0.53
N GLU A 306 -15.72 1.34 0.76
CA GLU A 306 -16.40 0.21 0.14
C GLU A 306 -16.32 0.24 -1.39
N GLN A 307 -16.76 1.37 -1.97
CA GLN A 307 -16.74 1.56 -3.41
C GLN A 307 -15.33 1.47 -3.98
N LYS A 308 -14.39 2.12 -3.31
CA LYS A 308 -12.99 2.08 -3.72
C LYS A 308 -12.47 0.66 -3.75
N ARG A 309 -12.80 -0.11 -2.72
CA ARG A 309 -12.39 -1.52 -2.65
C ARG A 309 -12.96 -2.30 -3.83
N ILE A 310 -14.26 -2.15 -4.08
CA ILE A 310 -14.91 -2.83 -5.21
C ILE A 310 -14.20 -2.50 -6.52
N ALA A 311 -14.01 -1.21 -6.78
CA ALA A 311 -13.38 -0.74 -8.01
C ALA A 311 -11.97 -1.30 -8.19
N LEU A 312 -11.19 -1.26 -7.11
CA LEU A 312 -9.84 -1.80 -7.12
C LEU A 312 -9.84 -3.29 -7.44
N LEU A 313 -10.82 -4.01 -6.89
CA LEU A 313 -10.94 -5.44 -7.17
C LEU A 313 -11.24 -5.69 -8.65
N ASN A 314 -12.23 -4.96 -9.18
CA ASN A 314 -12.57 -5.08 -10.59
C ASN A 314 -11.36 -4.82 -11.49
N ARG A 315 -10.65 -3.73 -11.22
CA ARG A 315 -9.45 -3.39 -11.97
C ARG A 315 -8.42 -4.52 -11.89
N ALA A 316 -8.26 -5.07 -10.69
CA ALA A 316 -7.31 -6.14 -10.46
C ALA A 316 -7.64 -7.39 -11.28
N ALA A 317 -8.91 -7.80 -11.24
CA ALA A 317 -9.38 -8.98 -11.96
C ALA A 317 -9.20 -8.81 -13.47
N SER A 318 -9.73 -7.70 -14.00
CA SER A 318 -9.63 -7.42 -15.43
C SER A 318 -8.18 -7.35 -15.88
N TYR A 319 -7.30 -6.91 -14.98
CA TYR A 319 -5.87 -6.92 -15.28
C TYR A 319 -5.32 -8.34 -15.32
N VAL A 320 -5.73 -9.17 -14.35
CA VAL A 320 -5.27 -10.54 -14.24
C VAL A 320 -5.59 -11.33 -15.50
N ASN A 321 -6.76 -11.05 -16.08
CA ASN A 321 -7.11 -11.67 -17.35
C ASN A 321 -6.01 -11.50 -18.40
N SER A 322 -5.61 -10.26 -18.64
CA SER A 322 -4.65 -9.96 -19.70
C SER A 322 -3.21 -9.98 -19.22
N ALA A 323 -3.01 -10.26 -17.94
CA ALA A 323 -1.67 -10.23 -17.35
C ALA A 323 -0.73 -11.29 -17.97
N PRO A 324 0.55 -10.95 -18.09
CA PRO A 324 1.61 -11.82 -18.62
C PRO A 324 2.00 -12.91 -17.63
N PRO A 325 2.53 -14.04 -18.13
CA PRO A 325 2.92 -15.20 -17.32
C PRO A 325 3.79 -14.90 -16.09
N PRO A 326 4.80 -14.01 -16.20
CA PRO A 326 5.56 -13.74 -14.97
C PRO A 326 4.69 -13.14 -13.87
N VAL A 327 3.87 -12.16 -14.25
CA VAL A 327 2.95 -11.52 -13.33
C VAL A 327 1.96 -12.52 -12.75
N VAL A 328 1.47 -13.42 -13.60
CA VAL A 328 0.52 -14.45 -13.17
C VAL A 328 1.15 -15.35 -12.12
N MET A 329 2.35 -15.84 -12.40
CA MET A 329 3.06 -16.68 -11.44
C MET A 329 3.29 -15.96 -10.12
N ARG A 330 3.69 -14.70 -10.22
CA ARG A 330 3.92 -13.86 -9.05
C ARG A 330 2.67 -13.75 -8.17
N MET A 331 1.57 -13.30 -8.77
CA MET A 331 0.32 -13.10 -8.05
C MET A 331 -0.17 -14.40 -7.44
N ALA A 332 -0.05 -15.50 -8.19
CA ALA A 332 -0.46 -16.81 -7.71
C ALA A 332 0.36 -17.21 -6.48
N LYS A 333 1.66 -16.95 -6.52
CA LYS A 333 2.54 -17.24 -5.39
C LYS A 333 2.15 -16.42 -4.16
N LEU A 334 1.84 -15.14 -4.37
CA LEU A 334 1.41 -14.28 -3.28
C LEU A 334 0.13 -14.80 -2.64
N LEU A 335 -0.83 -15.15 -3.48
CA LEU A 335 -2.09 -15.72 -3.06
C LEU A 335 -1.88 -16.98 -2.21
N GLN A 336 -1.08 -17.91 -2.73
CA GLN A 336 -0.75 -19.13 -2.01
C GLN A 336 -0.08 -18.84 -0.67
N ASP A 337 0.80 -17.84 -0.66
CA ASP A 337 1.53 -17.46 0.56
C ASP A 337 0.60 -16.87 1.61
N SER A 338 -0.45 -16.18 1.18
CA SER A 338 -1.37 -15.53 2.12
C SER A 338 -2.11 -16.54 2.99
N LEU A 339 -2.09 -17.80 2.58
CA LEU A 339 -2.79 -18.86 3.30
C LEU A 339 -1.82 -19.79 4.02
#